data_4NAE
#
_entry.id   4NAE
#
_cell.length_a   85.350
_cell.length_b   157.970
_cell.length_c   38.090
_cell.angle_alpha   90.00
_cell.angle_beta   90.00
_cell.angle_gamma   90.00
#
_symmetry.space_group_name_H-M   'P 21 21 2'
#
loop_
_entity.id
_entity.type
_entity.pdbx_description
1 polymer 'Heptaprenylglyceryl phosphate synthase'
2 polymer 'Heptaprenylglyceryl phosphate synthase'
3 non-polymer SN-GLYCEROL-1-PHOSPHATE
4 non-polymer 2-{2-[2-(2-{2-[2-(2-ETHOXY-ETHOXY)-ETHOXY]-ETHOXY}-ETHOXY)-ETHOXY]-ETHOXY}-ETHANOL
5 water water
#
loop_
_entity_poly.entity_id
_entity_poly.type
_entity_poly.pdbx_seq_one_letter_code
_entity_poly.pdbx_strand_id
1 'polypeptide(L)'
;EIRAWRHVFKLDPNKPIDDERLERLCESGTDAVIVGGTDGVTIDNVLDLLARIRRFSVPCALEVTDVEALTPGFDVYLVP
IVLNSRQAEWIIGRHHEAVKQYGDMMNWDEIAAEGYCILNPECKAAKLTRADTELDVDDIVAYARLAEHLYKLPIFYLEY
SGVYGDPSVVEKVKQALDQTQLFYGGGITTPEQAEHMARYADTVVVGNAIYDAFEQALATVAAVK
;
A
2 'polypeptide(L)'
;MEEIRAWRHVFKLDPNKPIDDERLERLCESGTDAVIVGGTDGVTIDNVLDLLARIRRFSVPCALEVTDVEALTPGFDVYL
VPIVLNSRQAEWIIGRHHEAVKQYGDMMNWDEIAAEGYCILNPECKAAKLTRADTELDVDDIVAYARLAEHLYKLPIFYL
EYSGVYGDPSVVEKVKQALDQTQLFYGGGITTPEQAEHMARYADTVVVGNAIYDAFEQALATVAAVK
;
B
#
loop_
_chem_comp.id
_chem_comp.type
_chem_comp.name
_chem_comp.formula
1GP non-polymer SN-GLYCEROL-1-PHOSPHATE 'C3 H9 O6 P'
PE4 non-polymer 2-{2-[2-(2-{2-[2-(2-ETHOXY-ETHOXY)-ETHOXY]-ETHOXY}-ETHOXY)-ETHOXY]-ETHOXY}-ETHANOL 'C16 H34 O8'
#
# COMPACT_ATOMS: atom_id res chain seq x y z
N GLU A 1 13.78 14.33 -0.11
CA GLU A 1 14.61 13.31 0.52
C GLU A 1 14.34 13.20 2.02
N ILE A 2 13.33 12.42 2.36
CA ILE A 2 12.93 12.23 3.75
C ILE A 2 13.90 11.29 4.48
N ARG A 3 14.71 10.56 3.71
CA ARG A 3 15.62 9.57 4.27
C ARG A 3 16.63 10.15 5.25
N ALA A 4 16.93 11.45 5.08
CA ALA A 4 17.90 12.12 5.92
C ALA A 4 17.28 12.75 7.18
N TRP A 5 15.95 12.81 7.25
CA TRP A 5 15.29 13.35 8.43
C TRP A 5 15.59 12.46 9.62
N ARG A 6 16.10 13.09 10.69
CA ARG A 6 16.37 12.42 11.96
C ARG A 6 15.47 12.97 13.06
N HIS A 7 15.24 14.28 13.02
CA HIS A 7 14.38 14.97 13.98
C HIS A 7 13.40 15.85 13.23
N VAL A 8 12.12 15.75 13.56
CA VAL A 8 11.11 16.63 12.99
C VAL A 8 10.16 17.17 14.05
N PHE A 9 9.70 18.39 13.83
CA PHE A 9 8.73 19.03 14.70
C PHE A 9 7.39 18.99 14.00
N LYS A 10 6.31 18.76 14.75
CA LYS A 10 4.97 18.75 14.19
C LYS A 10 4.09 19.83 14.81
N LEU A 11 3.62 20.75 13.95
CA LEU A 11 2.78 21.86 14.37
C LEU A 11 1.32 21.64 14.05
N ASP A 12 0.48 22.04 15.01
CA ASP A 12 -0.96 22.04 14.85
C ASP A 12 -1.35 23.41 14.31
N PRO A 13 -1.87 23.47 13.06
CA PRO A 13 -2.22 24.77 12.48
C PRO A 13 -3.35 25.48 13.22
N ASN A 14 -4.04 24.77 14.09
CA ASN A 14 -5.13 25.36 14.87
C ASN A 14 -4.65 25.95 16.19
N LYS A 15 -3.43 25.61 16.61
CA LYS A 15 -2.86 26.19 17.83
C LYS A 15 -1.96 27.35 17.44
N PRO A 16 -2.12 28.50 18.10
CA PRO A 16 -1.24 29.65 17.77
C PRO A 16 0.22 29.49 18.20
N ILE A 17 1.13 30.05 17.41
CA ILE A 17 2.55 30.16 17.77
C ILE A 17 3.12 31.49 17.26
N ASP A 18 3.60 32.32 18.18
CA ASP A 18 4.08 33.66 17.80
C ASP A 18 5.34 33.57 16.94
N ASP A 19 5.62 34.65 16.22
CA ASP A 19 6.75 34.72 15.28
C ASP A 19 8.12 34.40 15.91
N GLU A 20 8.35 34.84 17.13
CA GLU A 20 9.64 34.59 17.77
C GLU A 20 9.84 33.10 18.04
N ARG A 21 8.81 32.43 18.54
CA ARG A 21 8.90 31.00 18.80
C ARG A 21 9.05 30.22 17.50
N LEU A 22 8.27 30.62 16.50
CA LEU A 22 8.29 29.97 15.19
C LEU A 22 9.69 30.12 14.60
N GLU A 23 10.31 31.29 14.76
CA GLU A 23 11.68 31.48 14.29
C GLU A 23 12.67 30.55 14.99
N ARG A 24 12.60 30.47 16.32
CA ARG A 24 13.51 29.63 17.09
C ARG A 24 13.30 28.17 16.74
N LEU A 25 12.04 27.79 16.51
CA LEU A 25 11.69 26.44 16.09
C LEU A 25 12.33 26.06 14.74
N CYS A 26 12.10 26.91 13.73
CA CYS A 26 12.54 26.64 12.37
C CYS A 26 14.07 26.72 12.19
N GLU A 27 14.73 27.51 13.02
CA GLU A 27 16.19 27.65 12.93
C GLU A 27 16.91 26.80 13.97
N SER A 28 16.18 25.89 14.60
CA SER A 28 16.70 25.03 15.66
C SER A 28 17.64 23.92 15.15
N GLY A 29 17.61 23.67 13.84
CA GLY A 29 18.36 22.59 13.26
C GLY A 29 17.52 21.34 12.98
N THR A 30 16.22 21.42 13.29
CA THR A 30 15.30 20.33 12.98
C THR A 30 15.34 20.04 11.48
N ASP A 31 15.10 18.78 11.10
CA ASP A 31 15.23 18.39 9.71
C ASP A 31 14.01 18.76 8.87
N ALA A 32 12.86 18.88 9.52
CA ALA A 32 11.64 19.32 8.85
C ALA A 32 10.61 19.81 9.86
N VAL A 33 9.71 20.66 9.38
CA VAL A 33 8.55 21.07 10.14
C VAL A 33 7.31 20.51 9.46
N ILE A 34 6.58 19.68 10.19
CA ILE A 34 5.37 19.05 9.68
C ILE A 34 4.15 19.79 10.20
N VAL A 35 3.29 20.24 9.29
CA VAL A 35 2.00 20.79 9.66
C VAL A 35 0.96 19.66 9.68
N GLY A 36 0.39 19.41 10.84
CA GLY A 36 -0.56 18.33 11.02
C GLY A 36 -1.87 18.81 11.60
N VAL A 41 -7.11 22.06 9.97
CA VAL A 41 -8.51 22.47 10.02
C VAL A 41 -8.96 23.12 8.71
N THR A 42 -8.64 24.41 8.51
CA THR A 42 -8.97 25.10 7.27
C THR A 42 -7.73 25.33 6.41
N ILE A 43 -7.97 25.52 5.12
CA ILE A 43 -6.91 25.75 4.16
C ILE A 43 -6.30 27.15 4.30
N ASP A 44 -7.13 28.12 4.69
CA ASP A 44 -6.67 29.47 4.96
C ASP A 44 -5.61 29.49 6.07
N ASN A 45 -5.87 28.71 7.11
CA ASN A 45 -4.96 28.61 8.25
C ASN A 45 -3.69 27.83 7.93
N VAL A 46 -3.81 26.81 7.10
CA VAL A 46 -2.64 26.01 6.72
C VAL A 46 -1.68 26.84 5.84
N LEU A 47 -2.25 27.60 4.92
CA LEU A 47 -1.47 28.45 4.02
C LEU A 47 -0.77 29.57 4.77
N ASP A 48 -1.49 30.18 5.72
CA ASP A 48 -0.96 31.28 6.51
C ASP A 48 0.25 30.83 7.33
N LEU A 49 0.16 29.63 7.91
CA LEU A 49 1.28 29.06 8.68
C LEU A 49 2.42 28.65 7.75
N LEU A 50 2.08 28.18 6.55
CA LEU A 50 3.07 27.85 5.54
C LEU A 50 3.81 29.10 5.07
N ALA A 51 3.07 30.18 4.87
CA ALA A 51 3.66 31.42 4.40
C ALA A 51 4.67 31.92 5.43
N ARG A 52 4.33 31.74 6.71
CA ARG A 52 5.21 32.15 7.78
C ARG A 52 6.43 31.25 7.89
N ILE A 53 6.23 29.95 7.71
CA ILE A 53 7.36 29.01 7.77
C ILE A 53 8.33 29.25 6.62
N ARG A 54 7.80 29.65 5.47
CA ARG A 54 8.62 29.87 4.28
C ARG A 54 9.63 31.01 4.43
N ARG A 55 9.50 31.82 5.48
CA ARG A 55 10.53 32.79 5.79
C ARG A 55 11.86 32.07 6.03
N PHE A 56 11.78 30.77 6.33
CA PHE A 56 12.97 29.98 6.63
C PHE A 56 13.19 28.88 5.58
N SER A 57 14.36 28.27 5.61
CA SER A 57 14.73 27.26 4.61
C SER A 57 14.42 25.82 5.04
N VAL A 58 13.87 25.64 6.23
CA VAL A 58 13.62 24.29 6.73
C VAL A 58 12.53 23.63 5.87
N PRO A 59 12.74 22.35 5.50
CA PRO A 59 11.70 21.66 4.71
C PRO A 59 10.38 21.58 5.45
N CYS A 60 9.29 21.81 4.72
CA CYS A 60 7.96 21.84 5.31
C CYS A 60 7.05 20.83 4.63
N ALA A 61 6.51 19.94 5.45
CA ALA A 61 5.62 18.88 5.01
C ALA A 61 4.22 19.12 5.56
N LEU A 62 3.22 18.66 4.81
CA LEU A 62 1.84 18.68 5.28
C LEU A 62 1.37 17.24 5.50
N GLU A 63 0.91 16.95 6.70
CA GLU A 63 0.32 15.67 6.98
C GLU A 63 -1.17 15.76 6.77
N VAL A 64 -1.64 15.09 5.72
CA VAL A 64 -3.02 15.22 5.29
C VAL A 64 -3.85 14.16 5.99
N THR A 65 -4.68 14.57 6.94
CA THR A 65 -5.50 13.64 7.70
C THR A 65 -6.96 13.83 7.31
N ASP A 66 -7.22 14.90 6.55
CA ASP A 66 -8.54 15.16 6.00
C ASP A 66 -8.38 16.01 4.74
N VAL A 67 -9.27 15.82 3.77
CA VAL A 67 -9.26 16.62 2.55
C VAL A 67 -9.43 18.11 2.85
N LEU A 70 -6.01 20.14 2.59
CA LEU A 70 -5.17 19.86 1.44
C LEU A 70 -4.97 21.07 0.55
N THR A 71 -3.71 21.48 0.42
CA THR A 71 -3.34 22.69 -0.31
C THR A 71 -1.92 22.56 -0.84
N PRO A 72 -1.68 23.00 -2.11
CA PRO A 72 -0.33 22.90 -2.67
C PRO A 72 0.62 23.90 -2.00
N GLY A 73 1.91 23.77 -2.26
CA GLY A 73 2.91 24.69 -1.74
C GLY A 73 3.90 24.04 -0.78
N PHE A 74 3.57 22.85 -0.29
CA PHE A 74 4.44 22.11 0.62
C PHE A 74 5.51 21.30 -0.12
N ASP A 75 6.56 20.90 0.59
CA ASP A 75 7.65 20.12 0.00
C ASP A 75 7.32 18.63 -0.07
N VAL A 76 6.59 18.17 0.93
CA VAL A 76 6.24 16.77 1.05
C VAL A 76 4.83 16.66 1.59
N TYR A 77 4.11 15.64 1.12
CA TYR A 77 2.79 15.32 1.62
C TYR A 77 2.82 13.96 2.27
N LEU A 78 2.62 13.95 3.58
CA LEU A 78 2.64 12.73 4.37
C LEU A 78 1.19 12.26 4.54
N VAL A 79 0.91 11.05 4.08
CA VAL A 79 -0.46 10.53 4.06
C VAL A 79 -0.62 9.32 4.96
N PRO A 80 -1.24 9.52 6.14
CA PRO A 80 -1.44 8.38 7.04
C PRO A 80 -2.41 7.34 6.48
N ILE A 81 -2.03 6.08 6.69
CA ILE A 81 -2.89 4.92 6.49
C ILE A 81 -2.91 4.22 7.85
N VAL A 82 -4.08 4.09 8.48
CA VAL A 82 -4.16 3.45 9.79
C VAL A 82 -4.24 1.93 9.65
N LEU A 83 -3.07 1.30 9.68
CA LEU A 83 -2.94 -0.14 9.47
C LEU A 83 -3.72 -0.96 10.48
N ASN A 84 -3.79 -0.49 11.72
CA ASN A 84 -4.46 -1.20 12.80
C ASN A 84 -5.89 -0.71 13.05
N SER A 85 -6.46 -0.07 12.03
CA SER A 85 -7.87 0.34 12.07
C SER A 85 -8.78 -0.80 11.64
N ARG A 86 -9.94 -0.88 12.28
CA ARG A 86 -10.92 -1.91 11.98
C ARG A 86 -11.81 -1.49 10.81
N GLN A 87 -11.64 -0.25 10.36
CA GLN A 87 -12.51 0.35 9.35
C GLN A 87 -11.76 0.68 8.07
N ALA A 88 -12.27 0.17 6.95
CA ALA A 88 -11.65 0.37 5.63
C ALA A 88 -11.48 1.85 5.26
N GLU A 89 -12.32 2.70 5.87
CA GLU A 89 -12.33 4.13 5.60
C GLU A 89 -10.99 4.79 5.91
N TRP A 90 -10.31 4.30 6.94
CA TRP A 90 -9.06 4.87 7.40
C TRP A 90 -7.84 4.16 6.81
N ILE A 91 -8.10 3.16 5.98
CA ILE A 91 -7.07 2.38 5.32
C ILE A 91 -6.99 2.76 3.83
N ILE A 92 -8.13 2.91 3.18
CA ILE A 92 -8.15 3.28 1.76
C ILE A 92 -9.32 4.20 1.35
N GLY A 93 -10.44 4.08 2.05
CA GLY A 93 -11.68 4.80 1.70
C GLY A 93 -11.57 6.31 1.56
N ARG A 94 -11.17 6.99 2.63
CA ARG A 94 -11.02 8.44 2.59
C ARG A 94 -9.96 8.84 1.56
N HIS A 95 -8.94 8.00 1.41
CA HIS A 95 -7.86 8.23 0.46
C HIS A 95 -8.36 8.20 -0.98
N HIS A 96 -9.22 7.24 -1.27
CA HIS A 96 -9.81 7.10 -2.60
C HIS A 96 -10.62 8.34 -2.98
N GLU A 97 -11.45 8.82 -2.04
CA GLU A 97 -12.26 10.00 -2.28
C GLU A 97 -11.38 11.20 -2.60
N ALA A 98 -10.28 11.34 -1.85
CA ALA A 98 -9.35 12.45 -2.03
C ALA A 98 -8.60 12.38 -3.37
N VAL A 99 -8.08 11.21 -3.72
CA VAL A 99 -7.35 11.09 -4.99
C VAL A 99 -8.30 11.20 -6.18
N LYS A 100 -9.55 10.75 -6.00
CA LYS A 100 -10.53 10.87 -7.06
C LYS A 100 -10.71 12.34 -7.45
N GLN A 101 -10.82 13.21 -6.46
CA GLN A 101 -11.01 14.64 -6.74
C GLN A 101 -9.71 15.37 -7.12
N TYR A 102 -8.62 15.10 -6.40
CA TYR A 102 -7.41 15.91 -6.53
C TYR A 102 -6.24 15.17 -7.19
N GLY A 103 -6.47 13.93 -7.61
CA GLY A 103 -5.39 13.13 -8.19
C GLY A 103 -4.75 13.78 -9.41
N ASP A 104 -5.56 14.44 -10.23
CA ASP A 104 -5.08 15.08 -11.44
C ASP A 104 -4.05 16.16 -11.14
N MET A 105 -4.14 16.80 -9.97
CA MET A 105 -3.22 17.91 -9.66
C MET A 105 -2.14 17.51 -8.65
N MET A 106 -2.00 16.22 -8.37
CA MET A 106 -1.00 15.74 -7.42
C MET A 106 0.32 15.42 -8.12
N ASN A 107 1.43 15.79 -7.50
CA ASN A 107 2.77 15.41 -7.96
C ASN A 107 3.26 14.24 -7.09
N TRP A 108 3.25 13.04 -7.65
CA TRP A 108 3.45 11.83 -6.85
C TRP A 108 4.84 11.76 -6.22
N ASP A 109 5.76 12.57 -6.73
CA ASP A 109 7.11 12.68 -6.16
C ASP A 109 7.09 13.32 -4.77
N GLU A 110 6.05 14.09 -4.48
CA GLU A 110 5.92 14.80 -3.21
C GLU A 110 5.11 14.04 -2.17
N ILE A 111 4.61 12.86 -2.54
CA ILE A 111 3.64 12.14 -1.71
C ILE A 111 4.25 10.89 -1.10
N ALA A 112 4.20 10.82 0.23
CA ALA A 112 4.71 9.67 0.97
C ALA A 112 3.66 9.16 1.94
N ALA A 113 3.27 7.90 1.75
CA ALA A 113 2.34 7.23 2.63
C ALA A 113 3.02 6.89 3.94
N GLU A 114 2.27 7.01 5.01
CA GLU A 114 2.76 6.63 6.33
C GLU A 114 1.89 5.50 6.83
N GLY A 115 2.51 4.35 7.05
CA GLY A 115 1.82 3.21 7.61
C GLY A 115 1.76 3.36 9.12
N TYR A 116 0.69 3.97 9.60
CA TYR A 116 0.48 4.23 11.01
C TYR A 116 0.08 2.97 11.75
N CYS A 117 0.69 2.81 12.92
CA CYS A 117 0.24 1.82 13.90
C CYS A 117 -0.01 2.59 15.18
N ILE A 118 -1.28 2.90 15.45
CA ILE A 118 -1.64 3.73 16.59
C ILE A 118 -1.72 2.86 17.85
N LEU A 119 -0.92 3.23 18.84
CA LEU A 119 -0.73 2.39 20.02
C LEU A 119 -1.12 3.08 21.32
N ASN A 120 -1.60 4.32 21.24
CA ASN A 120 -2.14 5.01 22.40
C ASN A 120 -3.67 5.04 22.35
N PRO A 121 -4.34 4.28 23.23
CA PRO A 121 -5.80 4.22 23.19
C PRO A 121 -6.49 5.54 23.55
N GLU A 122 -5.79 6.38 24.30
CA GLU A 122 -6.36 7.62 24.81
C GLU A 122 -6.30 8.79 23.83
N CYS A 123 -5.58 8.65 22.73
CA CYS A 123 -5.43 9.75 21.77
C CYS A 123 -6.62 9.86 20.80
N LYS A 124 -6.87 11.07 20.32
CA LYS A 124 -8.01 11.38 19.47
C LYS A 124 -8.08 10.55 18.18
N ALA A 125 -6.90 10.25 17.62
CA ALA A 125 -6.83 9.46 16.39
C ALA A 125 -7.31 8.01 16.59
N ALA A 126 -6.89 7.39 17.68
CA ALA A 126 -7.27 6.01 17.99
C ALA A 126 -8.78 5.87 18.10
N LYS A 127 -9.43 6.87 18.68
CA LYS A 127 -10.87 6.87 18.85
C LYS A 127 -11.60 7.11 17.52
N LEU A 128 -11.13 8.08 16.75
CA LEU A 128 -11.73 8.40 15.45
C LEU A 128 -11.61 7.24 14.46
N THR A 129 -10.41 6.68 14.35
CA THR A 129 -10.13 5.65 13.35
C THR A 129 -10.46 4.25 13.84
N ARG A 130 -10.95 4.14 15.07
CA ARG A 130 -11.25 2.84 15.68
C ARG A 130 -10.06 1.90 15.65
N ALA A 131 -8.90 2.43 16.02
CA ALA A 131 -7.65 1.66 15.99
C ALA A 131 -7.57 0.67 17.13
N ASP A 132 -7.19 -0.57 16.83
CA ASP A 132 -6.98 -1.59 17.86
C ASP A 132 -5.59 -1.43 18.46
N THR A 133 -5.53 -0.76 19.61
CA THR A 133 -4.26 -0.45 20.28
C THR A 133 -3.82 -1.58 21.19
N GLU A 134 -4.71 -2.54 21.44
CA GLU A 134 -4.39 -3.66 22.32
C GLU A 134 -3.60 -4.73 21.56
N LEU A 135 -2.33 -4.43 21.29
CA LEU A 135 -1.49 -5.29 20.44
C LEU A 135 -0.21 -5.70 21.16
N ASP A 136 0.21 -6.95 20.96
CA ASP A 136 1.51 -7.39 21.47
C ASP A 136 2.58 -7.06 20.43
N VAL A 137 3.84 -7.26 20.79
CA VAL A 137 4.95 -6.84 19.94
C VAL A 137 4.97 -7.58 18.59
N ASP A 138 4.57 -8.85 18.61
CA ASP A 138 4.46 -9.63 17.38
C ASP A 138 3.51 -8.99 16.38
N ASP A 139 2.33 -8.58 16.87
CA ASP A 139 1.34 -7.88 16.05
C ASP A 139 1.97 -6.67 15.39
N ILE A 140 2.69 -5.88 16.18
CA ILE A 140 3.26 -4.64 15.68
C ILE A 140 4.31 -4.95 14.63
N VAL A 141 5.13 -5.96 14.90
CA VAL A 141 6.16 -6.37 13.96
C VAL A 141 5.54 -6.80 12.62
N ALA A 142 4.46 -7.56 12.68
CA ALA A 142 3.75 -8.01 11.49
C ALA A 142 3.23 -6.84 10.68
N TYR A 143 2.80 -5.78 11.35
CA TYR A 143 2.38 -4.58 10.66
C TYR A 143 3.56 -3.92 9.98
N ALA A 144 4.70 -3.90 10.66
CA ALA A 144 5.92 -3.31 10.09
C ALA A 144 6.35 -4.09 8.85
N ARG A 145 6.28 -5.41 8.95
CA ARG A 145 6.65 -6.27 7.84
C ARG A 145 5.73 -6.07 6.63
N LEU A 146 4.43 -5.94 6.89
CA LEU A 146 3.47 -5.68 5.82
C LEU A 146 3.79 -4.36 5.11
N ALA A 147 4.14 -3.34 5.88
CA ALA A 147 4.44 -2.04 5.33
C ALA A 147 5.74 -2.09 4.52
N GLU A 148 6.66 -2.95 4.95
CA GLU A 148 7.97 -3.06 4.32
C GLU A 148 7.91 -3.89 3.07
N HIS A 149 7.17 -4.99 3.12
CA HIS A 149 7.26 -6.01 2.08
C HIS A 149 6.03 -6.17 1.17
N LEU A 150 4.84 -5.92 1.71
CA LEU A 150 3.62 -6.10 0.92
C LEU A 150 3.13 -4.79 0.29
N TYR A 151 2.94 -3.78 1.13
CA TYR A 151 2.52 -2.46 0.68
C TYR A 151 3.66 -1.56 0.19
N LYS A 152 4.89 -1.89 0.62
CA LYS A 152 6.09 -1.10 0.34
C LYS A 152 5.87 0.40 0.48
N LEU A 153 5.52 0.80 1.69
CA LEU A 153 5.22 2.17 2.02
C LEU A 153 6.52 2.85 2.40
N PRO A 154 6.64 4.14 2.08
CA PRO A 154 7.90 4.81 2.41
C PRO A 154 8.17 4.90 3.91
N ILE A 155 7.10 4.93 4.70
CA ILE A 155 7.18 5.19 6.15
C ILE A 155 6.31 4.22 6.93
N PHE A 156 6.83 3.76 8.06
CA PHE A 156 6.05 3.09 9.10
C PHE A 156 6.11 3.98 10.35
N TYR A 157 4.95 4.28 10.93
CA TYR A 157 4.85 5.30 11.98
C TYR A 157 4.26 4.72 13.27
N LEU A 158 5.10 4.61 14.30
CA LEU A 158 4.65 4.19 15.61
C LEU A 158 4.09 5.42 16.32
N GLU A 159 2.76 5.46 16.45
CA GLU A 159 2.07 6.65 16.96
C GLU A 159 1.60 6.46 18.40
N TYR A 160 2.27 7.14 19.34
CA TYR A 160 1.88 7.09 20.75
C TYR A 160 1.30 8.43 21.24
N SER A 161 1.11 9.36 20.31
CA SER A 161 0.56 10.72 20.54
C SER A 161 -0.01 11.00 21.93
N GLY A 162 0.74 11.72 22.76
CA GLY A 162 0.31 12.07 24.10
C GLY A 162 1.03 11.31 25.21
N VAL A 163 1.49 10.11 24.91
CA VAL A 163 2.22 9.28 25.88
C VAL A 163 3.58 8.89 25.34
N TYR A 164 4.56 8.70 26.24
CA TYR A 164 5.88 8.22 25.84
C TYR A 164 5.83 6.71 25.77
N GLY A 165 6.18 6.17 24.60
CA GLY A 165 6.06 4.74 24.36
C GLY A 165 7.24 4.00 24.95
N ASP A 166 7.41 2.74 24.53
CA ASP A 166 8.52 1.94 25.07
C ASP A 166 9.63 1.79 24.03
N PRO A 167 10.85 2.24 24.37
CA PRO A 167 11.98 2.14 23.43
C PRO A 167 12.33 0.72 22.95
N SER A 168 12.03 -0.31 23.73
CA SER A 168 12.38 -1.67 23.31
C SER A 168 11.42 -2.16 22.24
N VAL A 169 10.24 -1.54 22.17
CA VAL A 169 9.28 -1.85 21.11
C VAL A 169 9.75 -1.29 19.77
N VAL A 170 10.19 -0.02 19.77
CA VAL A 170 10.65 0.57 18.53
C VAL A 170 11.97 -0.10 18.08
N GLU A 171 12.74 -0.59 19.02
CA GLU A 171 13.90 -1.38 18.69
C GLU A 171 13.58 -2.61 17.87
N LYS A 172 12.63 -3.41 18.29
CA LYS A 172 12.30 -4.65 17.58
C LYS A 172 11.65 -4.37 16.24
N VAL A 173 10.82 -3.34 16.18
CA VAL A 173 10.16 -2.96 14.94
C VAL A 173 11.20 -2.54 13.91
N LYS A 174 12.19 -1.77 14.34
CA LYS A 174 13.31 -1.36 13.49
C LYS A 174 14.06 -2.56 12.92
N GLN A 175 14.10 -3.65 13.68
CA GLN A 175 14.77 -4.86 13.23
C GLN A 175 14.07 -5.44 12.00
N ALA A 176 12.75 -5.26 11.95
CA ALA A 176 11.94 -5.78 10.86
C ALA A 176 11.99 -4.89 9.61
N LEU A 177 12.32 -3.62 9.78
CA LEU A 177 12.35 -2.69 8.66
C LEU A 177 13.73 -2.58 8.01
N ASP A 178 13.73 -2.18 6.74
CA ASP A 178 14.95 -2.00 5.95
C ASP A 178 14.79 -0.79 5.03
N GLN A 179 13.98 -0.94 3.98
CA GLN A 179 13.80 0.11 3.00
C GLN A 179 12.74 1.11 3.46
N THR A 180 11.77 0.66 4.26
CA THR A 180 10.77 1.53 4.83
C THR A 180 11.36 2.29 6.02
N GLN A 181 11.16 3.60 6.05
CA GLN A 181 11.66 4.46 7.12
C GLN A 181 10.81 4.38 8.38
N LEU A 182 11.44 4.31 9.56
CA LEU A 182 10.71 4.20 10.82
C LEU A 182 10.59 5.54 11.53
N PHE A 183 9.35 6.03 11.60
CA PHE A 183 9.03 7.21 12.37
C PHE A 183 8.52 6.81 13.75
N TYR A 184 8.93 7.58 14.77
CA TYR A 184 8.35 7.48 16.10
C TYR A 184 7.89 8.85 16.58
N GLY A 185 6.69 8.89 17.14
CA GLY A 185 6.19 10.09 17.78
C GLY A 185 5.33 9.75 18.99
N GLY A 186 5.47 10.54 20.06
CA GLY A 186 4.68 10.35 21.25
C GLY A 186 5.39 10.67 22.56
N GLY A 187 4.87 11.70 23.24
CA GLY A 187 5.31 12.07 24.58
C GLY A 187 6.75 12.48 24.76
N ILE A 188 7.43 12.87 23.69
CA ILE A 188 8.83 13.31 23.82
C ILE A 188 8.89 14.75 24.33
N THR A 189 9.51 14.92 25.49
CA THR A 189 9.70 16.18 26.14
C THR A 189 11.15 16.42 26.54
N THR A 190 11.79 15.39 27.02
CA THR A 190 13.14 15.51 27.56
C THR A 190 14.17 15.09 26.51
N PRO A 191 15.42 15.59 26.63
CA PRO A 191 16.48 15.18 25.70
C PRO A 191 16.70 13.66 25.75
N GLU A 192 16.63 13.10 26.96
CA GLU A 192 16.83 11.67 27.18
C GLU A 192 15.78 10.84 26.45
N GLN A 193 14.54 11.30 26.48
CA GLN A 193 13.46 10.65 25.75
C GLN A 193 13.69 10.74 24.26
N ALA A 194 14.18 11.89 23.79
CA ALA A 194 14.45 12.10 22.38
C ALA A 194 15.61 11.22 21.91
N GLU A 195 16.68 11.22 22.69
CA GLU A 195 17.88 10.42 22.38
C GLU A 195 17.57 8.93 22.32
N HIS A 196 16.84 8.44 23.30
CA HIS A 196 16.55 7.02 23.42
C HIS A 196 15.71 6.48 22.25
N MET A 197 14.74 7.24 21.78
CA MET A 197 13.94 6.81 20.64
C MET A 197 14.74 6.93 19.33
N ALA A 198 15.58 7.95 19.25
CA ALA A 198 16.40 8.19 18.06
C ALA A 198 17.46 7.11 17.86
N ARG A 199 17.72 6.33 18.91
CA ARG A 199 18.67 5.22 18.82
C ARG A 199 18.14 4.14 17.88
N TYR A 200 16.82 4.00 17.82
CA TYR A 200 16.20 2.92 17.05
C TYR A 200 15.36 3.45 15.88
N ALA A 201 14.59 4.50 16.12
CA ALA A 201 13.79 5.12 15.07
C ALA A 201 14.67 5.89 14.09
N ASP A 202 14.31 5.87 12.82
CA ASP A 202 15.04 6.64 11.83
C ASP A 202 14.76 8.12 12.07
N THR A 203 13.50 8.44 12.36
CA THR A 203 13.02 9.80 12.53
C THR A 203 12.14 9.95 13.77
N VAL A 204 12.46 10.95 14.58
CA VAL A 204 11.75 11.23 15.81
C VAL A 204 10.86 12.47 15.62
N VAL A 205 9.60 12.38 16.05
CA VAL A 205 8.63 13.46 15.89
C VAL A 205 8.24 14.06 17.24
N VAL A 206 8.39 15.38 17.37
CA VAL A 206 8.05 16.09 18.60
C VAL A 206 6.93 17.08 18.31
N GLY A 207 5.81 16.92 19.01
CA GLY A 207 4.63 17.75 18.79
C GLY A 207 4.22 18.60 20.00
N ASN A 208 3.46 17.98 20.91
CA ASN A 208 2.88 18.65 22.07
C ASN A 208 3.86 19.51 22.88
N ALA A 209 5.09 19.04 23.04
CA ALA A 209 6.11 19.75 23.82
C ALA A 209 6.37 21.15 23.25
N ILE A 210 6.10 21.33 21.96
CA ILE A 210 6.25 22.62 21.32
C ILE A 210 5.42 23.67 22.05
N TYR A 211 4.20 23.28 22.41
CA TYR A 211 3.25 24.19 23.06
C TYR A 211 3.30 24.16 24.59
N ASP A 212 3.68 23.01 25.16
CA ASP A 212 3.63 22.82 26.61
C ASP A 212 4.99 23.01 27.30
N ALA A 213 6.08 22.78 26.58
CA ALA A 213 7.42 22.88 27.13
C ALA A 213 8.41 23.33 26.06
N PHE A 214 8.26 24.57 25.58
CA PHE A 214 8.98 25.04 24.40
C PHE A 214 10.50 24.94 24.50
N GLU A 215 11.08 25.37 25.62
CA GLU A 215 12.53 25.34 25.79
C GLU A 215 12.98 23.88 25.71
N GLN A 216 12.22 22.98 26.33
CA GLN A 216 12.55 21.55 26.30
C GLN A 216 12.36 20.98 24.89
N ALA A 217 11.31 21.41 24.21
CA ALA A 217 11.09 20.99 22.83
C ALA A 217 12.29 21.34 21.94
N LEU A 218 12.85 22.53 22.11
CA LEU A 218 13.99 22.97 21.31
C LEU A 218 15.23 22.14 21.61
N ALA A 219 15.38 21.74 22.86
CA ALA A 219 16.53 20.95 23.29
C ALA A 219 16.54 19.52 22.71
N THR A 220 15.38 19.04 22.25
CA THR A 220 15.32 17.68 21.68
C THR A 220 16.10 17.56 20.38
N VAL A 221 16.26 18.65 19.65
CA VAL A 221 16.99 18.64 18.39
C VAL A 221 18.41 18.15 18.59
N ALA A 222 19.18 18.85 19.41
CA ALA A 222 20.56 18.49 19.69
C ALA A 222 20.71 17.10 20.29
N ALA A 223 19.73 16.70 21.10
CA ALA A 223 19.76 15.38 21.73
C ALA A 223 19.74 14.28 20.68
N VAL A 224 19.01 14.51 19.59
CA VAL A 224 18.95 13.56 18.49
C VAL A 224 20.13 13.72 17.53
N LYS A 225 20.42 14.96 17.16
CA LYS A 225 21.43 15.27 16.16
C LYS A 225 22.76 15.68 16.78
N MET B 1 10.10 -17.66 -13.94
CA MET B 1 9.83 -16.34 -14.49
C MET B 1 9.43 -15.44 -13.32
N GLU B 2 10.41 -14.99 -12.54
CA GLU B 2 10.16 -14.06 -11.46
C GLU B 2 10.01 -12.62 -11.98
N GLU B 3 10.42 -12.39 -13.23
CA GLU B 3 10.29 -11.08 -13.88
C GLU B 3 8.91 -10.92 -14.50
N ILE B 4 7.95 -10.44 -13.71
CA ILE B 4 6.56 -10.39 -14.12
C ILE B 4 6.29 -9.32 -15.17
N ARG B 5 7.21 -8.36 -15.29
CA ARG B 5 7.07 -7.25 -16.21
C ARG B 5 6.96 -7.69 -17.68
N ALA B 6 7.46 -8.88 -17.98
CA ALA B 6 7.47 -9.40 -19.35
C ALA B 6 6.21 -10.18 -19.69
N TRP B 7 5.40 -10.51 -18.69
CA TRP B 7 4.16 -11.25 -18.94
C TRP B 7 3.18 -10.45 -19.78
N ARG B 8 2.69 -11.06 -20.86
CA ARG B 8 1.66 -10.46 -21.71
C ARG B 8 0.37 -11.29 -21.64
N HIS B 9 0.55 -12.61 -21.64
CA HIS B 9 -0.58 -13.54 -21.54
C HIS B 9 -0.33 -14.56 -20.45
N VAL B 10 -1.31 -14.76 -19.58
CA VAL B 10 -1.26 -15.81 -18.57
C VAL B 10 -2.59 -16.56 -18.51
N PHE B 11 -2.50 -17.85 -18.18
CA PHE B 11 -3.64 -18.73 -18.00
C PHE B 11 -3.83 -18.96 -16.52
N LYS B 12 -5.06 -18.96 -16.04
CA LYS B 12 -5.36 -19.22 -14.61
C LYS B 12 -6.23 -20.48 -14.44
N LEU B 13 -5.75 -21.44 -13.64
CA LEU B 13 -6.46 -22.71 -13.34
C LEU B 13 -7.10 -22.79 -11.91
N ASP B 14 -8.27 -23.45 -11.76
CA ASP B 14 -8.98 -23.77 -10.47
C ASP B 14 -8.57 -25.22 -9.93
N PRO B 18 -11.25 -30.18 -12.34
CA PRO B 18 -10.32 -31.17 -12.92
C PRO B 18 -9.88 -30.77 -14.33
N ILE B 19 -8.65 -31.10 -14.69
CA ILE B 19 -8.12 -30.85 -16.02
C ILE B 19 -7.23 -31.99 -16.45
N ASP B 20 -7.61 -32.60 -17.56
CA ASP B 20 -6.88 -33.76 -18.09
C ASP B 20 -5.46 -33.40 -18.54
N ASP B 21 -4.60 -34.41 -18.58
CA ASP B 21 -3.21 -34.23 -18.96
C ASP B 21 -3.06 -33.61 -20.35
N GLU B 22 -3.94 -33.99 -21.27
CA GLU B 22 -3.85 -33.51 -22.65
C GLU B 22 -4.03 -32.01 -22.74
N ARG B 23 -5.08 -31.49 -22.10
CA ARG B 23 -5.33 -30.05 -22.10
C ARG B 23 -4.25 -29.29 -21.32
N LEU B 24 -3.83 -29.82 -20.18
CA LEU B 24 -2.78 -29.17 -19.39
C LEU B 24 -1.49 -29.08 -20.19
N GLU B 25 -1.16 -30.14 -20.91
CA GLU B 25 0.04 -30.18 -21.73
C GLU B 25 0.00 -29.11 -22.84
N ARG B 26 -1.14 -29.00 -23.51
CA ARG B 26 -1.28 -28.02 -24.59
C ARG B 26 -1.21 -26.60 -24.04
N LEU B 27 -1.82 -26.41 -22.86
CA LEU B 27 -1.82 -25.13 -22.17
C LEU B 27 -0.40 -24.67 -21.86
N CYS B 28 0.36 -25.55 -21.22
CA CYS B 28 1.71 -25.23 -20.75
C CYS B 28 2.70 -25.02 -21.88
N GLU B 29 2.43 -25.65 -23.03
CA GLU B 29 3.31 -25.55 -24.18
C GLU B 29 2.79 -24.52 -25.19
N SER B 30 1.77 -23.75 -24.81
CA SER B 30 1.12 -22.83 -25.73
C SER B 30 1.93 -21.58 -26.07
N GLY B 31 2.95 -21.29 -25.26
CA GLY B 31 3.69 -20.06 -25.41
C GLY B 31 3.21 -19.01 -24.41
N THR B 32 2.22 -19.38 -23.60
CA THR B 32 1.72 -18.51 -22.55
C THR B 32 2.85 -18.15 -21.60
N ASP B 33 2.81 -16.95 -21.03
CA ASP B 33 3.93 -16.48 -20.25
C ASP B 33 3.95 -17.09 -18.85
N ALA B 34 2.79 -17.47 -18.34
CA ALA B 34 2.73 -18.14 -17.06
C ALA B 34 1.43 -18.90 -16.89
N VAL B 35 1.44 -19.88 -16.00
CA VAL B 35 0.23 -20.58 -15.56
C VAL B 35 0.04 -20.24 -14.09
N ILE B 36 -1.08 -19.61 -13.78
CA ILE B 36 -1.42 -19.23 -12.41
C ILE B 36 -2.41 -20.21 -11.78
N VAL B 37 -2.05 -20.78 -10.65
CA VAL B 37 -2.96 -21.61 -9.88
C VAL B 37 -3.73 -20.72 -8.91
N GLY B 38 -5.03 -20.65 -9.10
CA GLY B 38 -5.90 -19.80 -8.30
C GLY B 38 -7.04 -20.59 -7.68
N ASP B 46 -2.09 -30.31 -0.83
CA ASP B 46 -2.01 -31.69 -1.27
C ASP B 46 -2.54 -31.83 -2.69
N ASN B 47 -3.67 -31.18 -2.96
CA ASN B 47 -4.23 -31.11 -4.31
C ASN B 47 -3.44 -30.10 -5.15
N VAL B 48 -3.01 -29.03 -4.50
CA VAL B 48 -2.24 -27.99 -5.16
C VAL B 48 -0.87 -28.52 -5.55
N LEU B 49 -0.28 -29.32 -4.67
CA LEU B 49 1.04 -29.90 -4.91
C LEU B 49 1.01 -30.78 -6.15
N ASP B 50 -0.08 -31.54 -6.29
CA ASP B 50 -0.26 -32.45 -7.41
C ASP B 50 -0.32 -31.72 -8.76
N LEU B 51 -1.07 -30.64 -8.80
CA LEU B 51 -1.17 -29.86 -10.02
C LEU B 51 0.16 -29.18 -10.33
N LEU B 52 0.87 -28.78 -9.27
CA LEU B 52 2.17 -28.13 -9.47
C LEU B 52 3.15 -29.10 -10.10
N ALA B 53 3.19 -30.32 -9.58
CA ALA B 53 4.11 -31.33 -10.07
C ALA B 53 3.81 -31.64 -11.53
N ARG B 54 2.54 -31.63 -11.90
CA ARG B 54 2.15 -31.91 -13.27
C ARG B 54 2.60 -30.79 -14.20
N ILE B 55 2.47 -29.55 -13.75
CA ILE B 55 2.91 -28.39 -14.52
C ILE B 55 4.45 -28.38 -14.67
N ARG B 56 5.16 -28.85 -13.64
CA ARG B 56 6.63 -28.84 -13.66
C ARG B 56 7.28 -29.75 -14.72
N ARG B 57 6.50 -30.65 -15.31
CA ARG B 57 6.95 -31.43 -16.45
C ARG B 57 7.32 -30.53 -17.65
N PHE B 58 6.86 -29.28 -17.60
CA PHE B 58 7.08 -28.31 -18.68
C PHE B 58 7.95 -27.12 -18.25
N SER B 59 8.29 -26.27 -19.20
CA SER B 59 9.17 -25.13 -18.96
C SER B 59 8.44 -23.83 -18.58
N VAL B 60 7.12 -23.87 -18.50
CA VAL B 60 6.33 -22.66 -18.20
C VAL B 60 6.41 -22.26 -16.71
N PRO B 61 6.56 -20.95 -16.42
CA PRO B 61 6.55 -20.51 -15.03
C PRO B 61 5.20 -20.77 -14.33
N CYS B 62 5.23 -21.19 -13.07
CA CYS B 62 3.99 -21.50 -12.36
C CYS B 62 3.84 -20.66 -11.10
N ALA B 63 2.75 -19.90 -11.03
CA ALA B 63 2.50 -19.02 -9.90
C ALA B 63 1.34 -19.52 -9.07
N LEU B 64 1.40 -19.24 -7.77
CA LEU B 64 0.30 -19.53 -6.85
C LEU B 64 -0.30 -18.21 -6.39
N GLU B 65 -1.60 -18.05 -6.62
CA GLU B 65 -2.31 -16.87 -6.14
C GLU B 65 -2.94 -17.21 -4.80
N VAL B 66 -2.45 -16.54 -3.77
CA VAL B 66 -2.73 -16.87 -2.37
C VAL B 66 -3.97 -16.16 -1.82
N THR B 67 -5.01 -16.92 -1.55
CA THR B 67 -6.29 -16.38 -1.07
C THR B 67 -6.63 -16.77 0.38
N ASP B 68 -5.76 -17.54 1.02
CA ASP B 68 -6.00 -18.03 2.39
C ASP B 68 -4.76 -17.89 3.26
N VAL B 69 -4.99 -17.72 4.57
CA VAL B 69 -3.91 -17.47 5.53
C VAL B 69 -2.83 -18.56 5.56
N LEU B 72 1.59 -21.58 3.28
CA LEU B 72 1.98 -21.15 1.95
C LEU B 72 2.70 -22.34 1.28
N THR B 73 2.16 -22.85 0.18
CA THR B 73 2.67 -24.09 -0.42
C THR B 73 3.98 -23.87 -1.18
N PRO B 74 5.03 -24.66 -0.85
CA PRO B 74 6.31 -24.46 -1.54
C PRO B 74 6.35 -25.01 -2.96
N GLY B 75 7.31 -24.56 -3.75
CA GLY B 75 7.54 -25.10 -5.07
C GLY B 75 7.22 -24.19 -6.25
N PHE B 76 6.49 -23.11 -6.01
CA PHE B 76 6.09 -22.21 -7.09
C PHE B 76 7.18 -21.19 -7.46
N ASP B 77 7.08 -20.61 -8.66
CA ASP B 77 8.04 -19.61 -9.11
C ASP B 77 7.71 -18.24 -8.54
N VAL B 78 6.42 -17.96 -8.40
CA VAL B 78 5.97 -16.68 -7.86
C VAL B 78 4.72 -16.88 -7.02
N TYR B 79 4.61 -16.08 -5.97
CA TYR B 79 3.44 -16.06 -5.10
C TYR B 79 2.75 -14.71 -5.25
N LEU B 80 1.53 -14.75 -5.75
CA LEU B 80 0.71 -13.56 -6.00
C LEU B 80 -0.27 -13.35 -4.86
N VAL B 81 -0.23 -12.18 -4.23
CA VAL B 81 -1.04 -11.92 -3.05
C VAL B 81 -2.07 -10.82 -3.33
N PRO B 82 -3.34 -11.19 -3.54
CA PRO B 82 -4.37 -10.18 -3.78
C PRO B 82 -4.64 -9.28 -2.58
N ILE B 83 -4.78 -7.99 -2.86
CA ILE B 83 -5.29 -7.01 -1.91
C ILE B 83 -6.49 -6.36 -2.58
N VAL B 84 -7.66 -6.55 -2.00
CA VAL B 84 -8.89 -6.03 -2.59
C VAL B 84 -9.13 -4.58 -2.18
N LEU B 85 -8.60 -3.69 -3.02
CA LEU B 85 -8.63 -2.25 -2.77
C LEU B 85 -10.05 -1.73 -2.62
N ASN B 86 -10.99 -2.26 -3.40
CA ASN B 86 -12.35 -1.74 -3.38
C ASN B 86 -13.28 -2.56 -2.49
N SER B 87 -12.70 -3.30 -1.55
CA SER B 87 -13.48 -4.02 -0.57
C SER B 87 -13.89 -3.07 0.55
N ARG B 88 -15.11 -3.23 1.03
CA ARG B 88 -15.65 -2.38 2.11
C ARG B 88 -15.21 -2.90 3.49
N GLN B 89 -14.53 -4.04 3.51
CA GLN B 89 -14.09 -4.71 4.74
C GLN B 89 -12.56 -4.80 4.83
N ALA B 90 -12.04 -4.29 5.94
CA ALA B 90 -10.60 -4.27 6.19
C ALA B 90 -9.90 -5.64 6.12
N GLU B 91 -10.66 -6.72 6.36
CA GLU B 91 -10.08 -8.06 6.36
C GLU B 91 -9.50 -8.48 5.01
N TRP B 92 -10.05 -7.95 3.91
CA TRP B 92 -9.56 -8.31 2.57
C TRP B 92 -8.51 -7.32 2.08
N ILE B 93 -8.21 -6.32 2.89
CA ILE B 93 -7.21 -5.31 2.56
C ILE B 93 -5.95 -5.53 3.39
N ILE B 94 -6.14 -5.78 4.68
CA ILE B 94 -5.02 -5.93 5.61
C ILE B 94 -5.19 -7.06 6.66
N GLY B 95 -6.43 -7.35 7.05
CA GLY B 95 -6.69 -8.34 8.10
C GLY B 95 -6.12 -9.75 7.93
N ARG B 96 -6.54 -10.45 6.88
CA ARG B 96 -6.03 -11.79 6.62
C ARG B 96 -4.52 -11.74 6.37
N HIS B 97 -4.09 -10.66 5.75
CA HIS B 97 -2.69 -10.43 5.44
C HIS B 97 -1.88 -10.32 6.74
N HIS B 98 -2.41 -9.59 7.71
CA HIS B 98 -1.73 -9.43 8.99
C HIS B 98 -1.65 -10.75 9.74
N GLU B 99 -2.76 -11.47 9.74
CA GLU B 99 -2.87 -12.75 10.40
C GLU B 99 -1.85 -13.74 9.82
N ALA B 100 -1.73 -13.71 8.50
CA ALA B 100 -0.83 -14.60 7.79
C ALA B 100 0.63 -14.26 8.10
N VAL B 101 0.97 -12.98 8.07
CA VAL B 101 2.35 -12.58 8.31
C VAL B 101 2.75 -12.80 9.77
N LYS B 102 1.81 -12.59 10.69
CA LYS B 102 2.08 -12.84 12.10
C LYS B 102 2.44 -14.32 12.33
N GLN B 103 1.69 -15.21 11.70
CA GLN B 103 1.89 -16.64 11.86
C GLN B 103 3.11 -17.15 11.08
N TYR B 104 3.28 -16.69 9.84
CA TYR B 104 4.31 -17.22 8.94
C TYR B 104 5.42 -16.22 8.54
N GLY B 105 5.39 -15.02 9.09
CA GLY B 105 6.32 -13.97 8.70
C GLY B 105 7.81 -14.29 8.86
N ASP B 106 8.15 -15.07 9.88
CA ASP B 106 9.55 -15.43 10.12
C ASP B 106 10.15 -16.29 9.01
N MET B 107 9.31 -17.11 8.38
CA MET B 107 9.75 -18.07 7.36
C MET B 107 9.33 -17.70 5.93
N MET B 108 8.92 -16.46 5.72
CA MET B 108 8.51 -16.04 4.38
C MET B 108 9.66 -15.50 3.57
N ASN B 109 9.70 -15.87 2.29
CA ASN B 109 10.65 -15.29 1.37
C ASN B 109 9.96 -14.24 0.50
N TRP B 110 10.13 -12.98 0.87
CA TRP B 110 9.46 -11.88 0.19
C TRP B 110 9.97 -11.60 -1.22
N ASP B 111 11.14 -12.14 -1.55
CA ASP B 111 11.66 -11.99 -2.91
C ASP B 111 10.79 -12.73 -3.91
N GLU B 112 10.08 -13.75 -3.44
CA GLU B 112 9.24 -14.59 -4.28
C GLU B 112 7.78 -14.12 -4.32
N ILE B 113 7.49 -13.04 -3.60
CA ILE B 113 6.11 -12.60 -3.37
C ILE B 113 5.80 -11.27 -4.05
N ALA B 114 4.71 -11.24 -4.81
CA ALA B 114 4.26 -10.04 -5.51
C ALA B 114 2.82 -9.70 -5.18
N ALA B 115 2.61 -8.50 -4.64
CA ALA B 115 1.28 -8.00 -4.31
C ALA B 115 0.47 -7.58 -5.55
N GLU B 116 -0.82 -7.88 -5.53
CA GLU B 116 -1.74 -7.50 -6.59
C GLU B 116 -2.80 -6.57 -6.05
N GLY B 117 -2.85 -5.36 -6.59
CA GLY B 117 -3.86 -4.40 -6.19
C GLY B 117 -5.13 -4.67 -6.96
N TYR B 118 -6.00 -5.51 -6.39
CA TYR B 118 -7.23 -5.91 -7.06
C TYR B 118 -8.32 -4.84 -7.00
N CYS B 119 -9.02 -4.69 -8.12
CA CYS B 119 -10.25 -3.94 -8.18
C CYS B 119 -11.31 -4.86 -8.77
N ILE B 120 -12.17 -5.42 -7.93
CA ILE B 120 -13.18 -6.37 -8.40
C ILE B 120 -14.38 -5.63 -8.97
N LEU B 121 -14.68 -5.90 -10.23
CA LEU B 121 -15.66 -5.12 -10.98
C LEU B 121 -16.84 -5.90 -11.56
N ASN B 122 -16.91 -7.20 -11.30
CA ASN B 122 -18.08 -8.00 -11.63
C ASN B 122 -18.87 -8.35 -10.38
N PRO B 123 -20.07 -7.76 -10.20
CA PRO B 123 -20.78 -8.03 -8.94
C PRO B 123 -21.23 -9.50 -8.78
N GLU B 124 -21.37 -10.22 -9.88
CA GLU B 124 -21.88 -11.59 -9.82
C GLU B 124 -20.82 -12.64 -9.44
N CYS B 125 -19.56 -12.29 -9.46
CA CYS B 125 -18.52 -13.27 -9.17
C CYS B 125 -18.39 -13.51 -7.66
N LYS B 126 -17.96 -14.72 -7.29
CA LYS B 126 -17.88 -15.14 -5.90
C LYS B 126 -16.96 -14.26 -5.05
N ALA B 127 -15.87 -13.81 -5.65
CA ALA B 127 -14.91 -12.96 -4.95
C ALA B 127 -15.57 -11.64 -4.54
N ALA B 128 -16.36 -11.07 -5.44
CA ALA B 128 -17.05 -9.81 -5.17
C ALA B 128 -17.98 -9.94 -3.96
N LYS B 129 -18.67 -11.07 -3.88
CA LYS B 129 -19.61 -11.34 -2.80
C LYS B 129 -18.91 -11.64 -1.48
N LEU B 130 -17.84 -12.43 -1.56
CA LEU B 130 -17.05 -12.80 -0.39
C LEU B 130 -16.42 -11.57 0.26
N THR B 131 -15.84 -10.72 -0.59
CA THR B 131 -15.10 -9.55 -0.14
C THR B 131 -15.94 -8.27 -0.01
N ARG B 132 -17.22 -8.34 -0.35
CA ARG B 132 -18.09 -7.16 -0.32
C ARG B 132 -17.50 -6.04 -1.17
N ALA B 133 -17.09 -6.35 -2.40
CA ALA B 133 -16.45 -5.35 -3.23
C ALA B 133 -17.46 -4.35 -3.76
N ASP B 134 -17.09 -3.07 -3.73
CA ASP B 134 -17.89 -2.01 -4.32
C ASP B 134 -17.59 -2.05 -5.83
N THR B 135 -18.47 -2.74 -6.57
CA THR B 135 -18.26 -2.94 -8.00
C THR B 135 -18.88 -1.83 -8.87
N GLU B 136 -19.80 -1.07 -8.29
CA GLU B 136 -20.48 0.00 -9.02
C GLU B 136 -19.59 1.24 -9.04
N LEU B 137 -18.59 1.22 -9.92
CA LEU B 137 -17.58 2.27 -9.98
C LEU B 137 -17.54 2.87 -11.38
N ASP B 138 -17.38 4.20 -11.48
CA ASP B 138 -17.16 4.83 -12.78
C ASP B 138 -15.67 4.83 -13.08
N VAL B 139 -15.30 5.27 -14.28
CA VAL B 139 -13.91 5.19 -14.69
C VAL B 139 -13.01 6.07 -13.81
N ASP B 140 -13.54 7.19 -13.35
CA ASP B 140 -12.83 8.05 -12.41
C ASP B 140 -12.51 7.26 -11.12
N ASP B 141 -13.51 6.52 -10.62
CA ASP B 141 -13.32 5.66 -9.43
C ASP B 141 -12.15 4.66 -9.60
N ILE B 142 -12.15 3.93 -10.72
CA ILE B 142 -11.16 2.90 -10.99
C ILE B 142 -9.76 3.50 -11.15
N VAL B 143 -9.69 4.61 -11.87
CA VAL B 143 -8.45 5.35 -12.04
C VAL B 143 -7.89 5.75 -10.67
N ALA B 144 -8.77 6.19 -9.78
CA ALA B 144 -8.38 6.56 -8.42
C ALA B 144 -7.79 5.36 -7.65
N TYR B 145 -8.39 4.18 -7.81
CA TYR B 145 -7.84 2.98 -7.19
C TYR B 145 -6.48 2.65 -7.79
N ALA B 146 -6.35 2.81 -9.10
CA ALA B 146 -5.09 2.57 -9.81
C ALA B 146 -3.96 3.48 -9.31
N ARG B 147 -4.28 4.74 -9.06
CA ARG B 147 -3.32 5.69 -8.51
C ARG B 147 -2.93 5.32 -7.07
N LEU B 148 -3.90 4.93 -6.26
CA LEU B 148 -3.65 4.49 -4.88
C LEU B 148 -2.73 3.28 -4.81
N ALA B 149 -2.90 2.37 -5.77
CA ALA B 149 -2.12 1.14 -5.82
C ALA B 149 -0.65 1.41 -6.15
N GLU B 150 -0.41 2.44 -6.96
CA GLU B 150 0.95 2.78 -7.39
C GLU B 150 1.65 3.86 -6.53
N HIS B 151 0.88 4.84 -6.05
CA HIS B 151 1.45 6.06 -5.48
C HIS B 151 1.28 6.25 -3.97
N LEU B 152 0.27 5.60 -3.40
CA LEU B 152 0.12 5.58 -1.96
C LEU B 152 0.68 4.22 -1.50
N TYR B 153 0.03 3.14 -1.93
CA TYR B 153 0.59 1.82 -1.80
C TYR B 153 1.54 1.73 -2.98
N LYS B 154 2.56 0.90 -2.89
CA LYS B 154 3.56 0.75 -3.95
C LYS B 154 3.53 -0.69 -4.42
N LEU B 155 2.44 -1.05 -5.08
CA LEU B 155 2.24 -2.42 -5.55
C LEU B 155 2.73 -2.60 -7.00
N PRO B 156 3.36 -3.75 -7.30
CA PRO B 156 3.85 -4.06 -8.66
C PRO B 156 2.73 -4.30 -9.68
N ILE B 157 1.54 -4.67 -9.20
CA ILE B 157 0.43 -5.03 -10.08
C ILE B 157 -0.85 -4.33 -9.66
N PHE B 158 -1.58 -3.82 -10.64
CA PHE B 158 -2.97 -3.41 -10.45
C PHE B 158 -3.81 -4.31 -11.33
N TYR B 159 -4.83 -4.93 -10.75
CA TYR B 159 -5.55 -6.03 -11.39
C TYR B 159 -7.04 -5.68 -11.51
N LEU B 160 -7.48 -5.51 -12.75
CA LEU B 160 -8.90 -5.29 -13.05
C LEU B 160 -9.63 -6.62 -13.16
N GLU B 161 -10.44 -6.94 -12.16
CA GLU B 161 -11.07 -8.26 -12.08
C GLU B 161 -12.54 -8.23 -12.47
N TYR B 162 -12.83 -8.75 -13.67
CA TYR B 162 -14.18 -8.85 -14.20
C TYR B 162 -14.64 -10.31 -14.29
N SER B 163 -13.84 -11.21 -13.73
CA SER B 163 -14.09 -12.65 -13.68
C SER B 163 -15.51 -13.10 -14.02
N GLY B 164 -15.67 -13.65 -15.22
CA GLY B 164 -16.96 -14.14 -15.69
C GLY B 164 -17.57 -13.28 -16.78
N VAL B 165 -17.26 -11.99 -16.75
CA VAL B 165 -17.76 -11.03 -17.73
C VAL B 165 -16.62 -10.32 -18.45
N TYR B 166 -16.85 -9.95 -19.70
CA TYR B 166 -15.91 -9.18 -20.49
C TYR B 166 -16.18 -7.69 -20.29
N GLY B 167 -15.14 -6.95 -19.90
CA GLY B 167 -15.27 -5.54 -19.60
C GLY B 167 -15.19 -4.63 -20.83
N ASP B 168 -14.95 -3.35 -20.58
CA ASP B 168 -14.86 -2.35 -21.65
C ASP B 168 -13.39 -2.00 -21.89
N PRO B 169 -12.89 -2.27 -23.10
CA PRO B 169 -11.49 -1.94 -23.40
C PRO B 169 -11.18 -0.45 -23.26
N SER B 170 -12.19 0.41 -23.37
CA SER B 170 -11.97 1.85 -23.27
C SER B 170 -11.73 2.25 -21.81
N VAL B 171 -12.25 1.47 -20.88
CA VAL B 171 -12.01 1.69 -19.46
C VAL B 171 -10.60 1.24 -19.13
N VAL B 172 -10.21 0.10 -19.67
CA VAL B 172 -8.89 -0.46 -19.45
C VAL B 172 -7.85 0.50 -20.01
N GLU B 173 -8.17 1.15 -21.13
CA GLU B 173 -7.31 2.18 -21.71
C GLU B 173 -7.09 3.35 -20.76
N LYS B 174 -8.16 3.79 -20.11
CA LYS B 174 -8.10 4.94 -19.22
C LYS B 174 -7.25 4.61 -18.00
N VAL B 175 -7.38 3.38 -17.50
CA VAL B 175 -6.60 2.94 -16.35
C VAL B 175 -5.11 2.89 -16.70
N LYS B 176 -4.79 2.33 -17.86
CA LYS B 176 -3.40 2.25 -18.28
C LYS B 176 -2.76 3.64 -18.41
N GLN B 177 -3.53 4.63 -18.85
CA GLN B 177 -3.01 5.99 -18.99
C GLN B 177 -2.63 6.57 -17.63
N ALA B 178 -3.36 6.18 -16.60
CA ALA B 178 -3.15 6.70 -15.24
C ALA B 178 -1.94 6.06 -14.53
N LEU B 179 -1.55 4.88 -15.00
CA LEU B 179 -0.43 4.12 -14.42
C LEU B 179 0.89 4.45 -15.11
N ASP B 180 1.99 4.15 -14.42
CA ASP B 180 3.32 4.41 -14.92
C ASP B 180 4.17 3.16 -14.66
N GLN B 181 4.61 2.97 -13.41
CA GLN B 181 5.47 1.83 -13.05
C GLN B 181 4.70 0.56 -12.65
N THR B 182 3.47 0.72 -12.18
CA THR B 182 2.63 -0.42 -11.82
C THR B 182 2.05 -1.09 -13.07
N GLN B 183 2.20 -2.41 -13.11
CA GLN B 183 1.74 -3.26 -14.21
C GLN B 183 0.23 -3.48 -14.17
N LEU B 184 -0.41 -3.37 -15.32
CA LEU B 184 -1.86 -3.52 -15.40
C LEU B 184 -2.27 -4.91 -15.87
N PHE B 185 -2.86 -5.68 -14.96
CA PHE B 185 -3.47 -6.97 -15.30
C PHE B 185 -4.95 -6.77 -15.57
N TYR B 186 -5.44 -7.43 -16.61
CA TYR B 186 -6.88 -7.49 -16.84
C TYR B 186 -7.31 -8.95 -16.95
N GLY B 187 -8.42 -9.27 -16.31
CA GLY B 187 -9.00 -10.58 -16.44
C GLY B 187 -10.50 -10.53 -16.41
N GLY B 188 -11.13 -11.34 -17.26
CA GLY B 188 -12.58 -11.43 -17.28
C GLY B 188 -13.15 -11.65 -18.67
N GLY B 189 -13.79 -12.80 -18.83
CA GLY B 189 -14.58 -13.12 -20.01
C GLY B 189 -13.90 -13.17 -21.37
N ILE B 190 -12.58 -13.29 -21.39
CA ILE B 190 -11.88 -13.41 -22.66
C ILE B 190 -12.08 -14.85 -23.14
N THR B 191 -12.79 -14.98 -24.26
CA THR B 191 -13.12 -16.29 -24.82
C THR B 191 -12.72 -16.42 -26.29
N THR B 192 -12.49 -15.30 -26.95
CA THR B 192 -12.03 -15.30 -28.33
C THR B 192 -10.68 -14.60 -28.47
N PRO B 193 -9.93 -14.92 -29.53
CA PRO B 193 -8.66 -14.23 -29.82
C PRO B 193 -8.85 -12.73 -29.97
N GLU B 194 -9.94 -12.31 -30.60
CA GLU B 194 -10.23 -10.88 -30.78
C GLU B 194 -10.40 -10.15 -29.45
N GLN B 195 -11.09 -10.80 -28.51
CA GLN B 195 -11.27 -10.23 -27.17
C GLN B 195 -9.93 -10.10 -26.44
N ALA B 196 -9.05 -11.08 -26.64
CA ALA B 196 -7.74 -11.08 -26.00
C ALA B 196 -6.87 -9.94 -26.53
N GLU B 197 -6.85 -9.82 -27.85
CA GLU B 197 -6.10 -8.78 -28.55
C GLU B 197 -6.53 -7.38 -28.12
N HIS B 198 -7.84 -7.15 -28.07
CA HIS B 198 -8.38 -5.84 -27.74
C HIS B 198 -7.99 -5.36 -26.34
N MET B 199 -8.05 -6.26 -25.35
CA MET B 199 -7.65 -5.89 -24.00
C MET B 199 -6.13 -5.73 -23.92
N ALA B 200 -5.42 -6.58 -24.63
CA ALA B 200 -3.95 -6.59 -24.63
C ALA B 200 -3.34 -5.33 -25.24
N ARG B 201 -4.13 -4.55 -25.94
CA ARG B 201 -3.63 -3.29 -26.48
C ARG B 201 -3.34 -2.35 -25.32
N TYR B 202 -4.11 -2.49 -24.25
CA TYR B 202 -4.06 -1.53 -23.14
C TYR B 202 -3.51 -2.13 -21.86
N ALA B 203 -3.96 -3.33 -21.52
CA ALA B 203 -3.44 -4.03 -20.36
C ALA B 203 -2.05 -4.57 -20.69
N ASP B 204 -1.18 -4.55 -19.70
CA ASP B 204 0.14 -5.11 -19.82
C ASP B 204 0.05 -6.62 -19.89
N THR B 205 -0.86 -7.18 -19.08
CA THR B 205 -1.01 -8.62 -18.97
C THR B 205 -2.48 -9.02 -18.94
N VAL B 206 -2.83 -9.92 -19.85
CA VAL B 206 -4.17 -10.41 -20.03
C VAL B 206 -4.30 -11.84 -19.45
N VAL B 207 -5.34 -12.08 -18.65
CA VAL B 207 -5.55 -13.35 -17.96
C VAL B 207 -6.80 -14.06 -18.50
N VAL B 208 -6.62 -15.32 -18.89
CA VAL B 208 -7.69 -16.16 -19.42
C VAL B 208 -7.92 -17.36 -18.48
N GLY B 209 -9.12 -17.45 -17.92
CA GLY B 209 -9.45 -18.50 -16.97
C GLY B 209 -10.52 -19.46 -17.46
N ASN B 210 -11.78 -19.06 -17.27
CA ASN B 210 -12.95 -19.90 -17.54
C ASN B 210 -13.01 -20.57 -18.91
N ALA B 211 -12.61 -19.86 -19.96
CA ALA B 211 -12.65 -20.39 -21.32
C ALA B 211 -11.86 -21.70 -21.47
N ILE B 212 -10.88 -21.91 -20.60
CA ILE B 212 -10.07 -23.12 -20.65
C ILE B 212 -10.95 -24.37 -20.57
N TYR B 213 -11.93 -24.31 -19.67
CA TYR B 213 -12.74 -25.48 -19.36
C TYR B 213 -13.94 -25.62 -20.30
N ASP B 214 -14.42 -24.50 -20.84
CA ASP B 214 -15.63 -24.47 -21.66
C ASP B 214 -15.40 -24.42 -23.17
N ALA B 215 -14.31 -23.77 -23.59
CA ALA B 215 -14.03 -23.59 -25.02
C ALA B 215 -12.54 -23.58 -25.24
N PHE B 216 -11.93 -24.75 -25.01
CA PHE B 216 -10.48 -24.90 -24.98
C PHE B 216 -9.76 -24.43 -26.23
N GLU B 217 -10.26 -24.76 -27.42
CA GLU B 217 -9.56 -24.40 -28.65
C GLU B 217 -9.37 -22.89 -28.77
N GLN B 218 -10.43 -22.13 -28.49
CA GLN B 218 -10.37 -20.67 -28.58
C GLN B 218 -9.54 -20.09 -27.45
N ALA B 219 -9.67 -20.66 -26.26
CA ALA B 219 -8.84 -20.23 -25.13
C ALA B 219 -7.36 -20.35 -25.51
N LEU B 220 -7.01 -21.42 -26.20
CA LEU B 220 -5.65 -21.66 -26.62
C LEU B 220 -5.21 -20.62 -27.65
N ALA B 221 -6.14 -20.26 -28.52
CA ALA B 221 -5.87 -19.30 -29.59
C ALA B 221 -5.60 -17.88 -29.09
N THR B 222 -5.98 -17.57 -27.85
CA THR B 222 -5.72 -16.23 -27.32
C THR B 222 -4.22 -15.93 -27.15
N VAL B 223 -3.42 -16.98 -26.95
CA VAL B 223 -1.98 -16.78 -26.80
C VAL B 223 -1.37 -16.08 -28.02
N ALA B 224 -1.51 -16.68 -29.19
CA ALA B 224 -0.96 -16.14 -30.42
C ALA B 224 -1.54 -14.75 -30.73
N ALA B 225 -2.82 -14.55 -30.42
CA ALA B 225 -3.48 -13.27 -30.67
C ALA B 225 -2.85 -12.14 -29.87
N VAL B 226 -2.41 -12.46 -28.65
CA VAL B 226 -1.71 -11.49 -27.82
C VAL B 226 -0.26 -11.43 -28.33
N LYS B 227 0.28 -12.61 -28.67
CA LYS B 227 1.65 -12.76 -29.14
C LYS B 227 2.66 -12.60 -28.01
C3 1GP C . 1.73 13.44 17.13
O3 1GP C . 3.51 11.78 16.80
C2 1GP C . 3.24 13.18 16.99
O2 1GP C . 0.99 12.89 16.04
C1 1GP C . 4.00 13.71 18.21
O1P 1GP C . 3.32 13.32 19.39
O2P 1GP C . 4.71 14.86 20.69
O3P 1GP C . 2.19 15.18 20.56
O4P 1GP C . 3.14 13.23 21.85
P 1GP C . 3.34 14.22 20.72
H31 1GP C . 1.55 14.51 17.19
H32 1GP C . 1.37 13.00 18.07
HO3 1GP C . 3.23 11.30 17.60
H2 1GP C . 3.60 13.73 16.11
HO2 1GP C . 0.05 13.07 16.16
H11 1GP C . 4.06 14.80 18.15
H12 1GP C . 5.02 13.32 18.22
O1 PE4 D . -3.05 10.58 -1.93
C1 PE4 D . -4.19 10.57 -1.07
C2 PE4 D . -4.16 11.76 -0.11
O2 PE4 D . -5.36 11.70 0.67
C3 PE4 D . -5.22 12.19 2.00
C4 PE4 D . -5.76 11.13 2.96
O3 PE4 D . -6.94 11.58 3.61
C5 PE4 D . -7.44 10.55 4.48
C6 PE4 D . -6.71 10.64 5.82
O4 PE4 D . -6.99 9.49 6.62
C7 PE4 D . -5.98 9.26 7.60
C8 PE4 D . -6.61 8.97 8.95
O5 PE4 D . -5.85 9.56 10.00
H81 PE4 D . -7.62 9.37 8.98
H82 PE4 D . -6.67 7.89 9.11
C3 1GP E . -10.13 -14.80 -13.12
O3 1GP E . -9.32 -12.71 -14.02
C2 1GP E . -9.29 -14.13 -14.21
O2 1GP E . -9.55 -14.51 -11.84
C1 1GP E . -9.78 -14.54 -15.60
O1P 1GP E . -11.20 -14.46 -15.65
O2P 1GP E . -11.27 -15.72 -17.80
O3P 1GP E . -12.31 -16.65 -15.66
O4P 1GP E . -13.33 -14.65 -16.84
P 1GP E . -12.08 -15.44 -16.56
H31 1GP E . -11.16 -14.42 -13.16
H32 1GP E . -10.15 -15.88 -13.29
HO3 1GP E . -10.23 -12.39 -14.11
H2 1GP E . -8.25 -14.48 -14.10
HO2 1GP E . -10.09 -14.93 -11.15
H11 1GP E . -9.35 -13.87 -16.34
H12 1GP E . -9.46 -15.56 -15.81
O1 PE4 F . -9.76 -12.62 -3.06
C1 PE4 F . -9.42 -12.18 -1.75
C2 PE4 F . -7.94 -12.46 -1.44
O2 PE4 F . -7.68 -12.17 -0.07
C3 PE4 F . -6.31 -12.33 0.29
C4 PE4 F . -6.21 -13.39 1.39
O3 PE4 F . -5.08 -13.11 2.22
C5 PE4 F . -3.88 -13.57 1.64
C6 PE4 F . -2.78 -13.64 2.68
O4 PE4 F . -1.59 -14.08 2.04
C7 PE4 F . -0.53 -14.34 2.97
C8 PE4 F . 0.81 -14.15 2.25
O5 PE4 F . 1.46 -12.98 2.73
H81 PE4 F . 1.44 -15.03 2.45
H82 PE4 F . 0.65 -14.08 1.18
#